data_8D4W
#
_entry.id   8D4W
#
_cell.length_a   128.809
_cell.length_b   128.809
_cell.length_c   128.809
_cell.angle_alpha   90.000
_cell.angle_beta   90.000
_cell.angle_gamma   90.000
#
_symmetry.space_group_name_H-M   'I 41 3 2'
#
loop_
_entity.id
_entity.type
_entity.pdbx_description
1 polymer 'Cell entry (Mce) related family protein'
2 non-polymer GLYCEROL
3 non-polymer DI(HYDROXYETHYL)ETHER
4 water water
#
_entity_poly.entity_id   1
_entity_poly.type   'polypeptide(L)'
_entity_poly.pdbx_seq_one_letter_code
;MTEAIDWDQMNNQVIKEFRETGGKAGGLFEGSPLVLVHHTGAKSGKQRIAPLVPLLDGDRIYIFGSKGGADSHPDWYHNL
VANPDTVVELGTETFPVKARVLTGAERDEIYAKQVAVAPQFGDYQRKTTRVIPVVELQRV
;
_entity_poly.pdbx_strand_id   A
#
loop_
_chem_comp.id
_chem_comp.type
_chem_comp.name
_chem_comp.formula
GOL non-polymer GLYCEROL 'C3 H8 O3'
PEG non-polymer DI(HYDROXYETHYL)ETHER 'C4 H10 O3'
#
# COMPACT_ATOMS: atom_id res chain seq x y z
N ILE A 5 11.41 1.35 -18.63
CA ILE A 5 10.10 1.66 -18.07
C ILE A 5 10.11 2.87 -17.12
N ASP A 6 9.40 3.93 -17.52
CA ASP A 6 9.36 5.18 -16.76
C ASP A 6 8.28 5.04 -15.69
N TRP A 7 8.68 4.68 -14.48
CA TRP A 7 7.73 4.50 -13.40
C TRP A 7 7.15 5.83 -12.93
N ASP A 8 7.95 6.90 -12.98
CA ASP A 8 7.49 8.19 -12.48
C ASP A 8 6.39 8.77 -13.36
N GLN A 9 6.52 8.63 -14.67
CA GLN A 9 5.46 9.05 -15.57
C GLN A 9 4.26 8.11 -15.46
N MET A 10 4.52 6.82 -15.35
CA MET A 10 3.44 5.85 -15.29
C MET A 10 2.68 5.91 -13.97
N ASN A 11 3.22 6.61 -12.97
CA ASN A 11 2.48 6.85 -11.73
C ASN A 11 1.27 7.76 -11.99
N ASN A 12 1.50 8.90 -12.63
CA ASN A 12 0.41 9.83 -12.90
C ASN A 12 -0.61 9.24 -13.87
N GLN A 13 -0.15 8.40 -14.81
CA GLN A 13 -1.06 7.75 -15.75
C GLN A 13 -1.94 6.73 -15.03
N VAL A 14 -1.37 5.99 -14.08
CA VAL A 14 -2.15 5.02 -13.33
C VAL A 14 -3.18 5.71 -12.45
N ILE A 15 -2.79 6.83 -11.83
CA ILE A 15 -3.73 7.60 -11.01
C ILE A 15 -4.91 8.08 -11.85
N LYS A 16 -4.61 8.64 -13.03
CA LYS A 16 -5.66 9.04 -13.96
C LYS A 16 -6.58 7.88 -14.31
N GLU A 17 -5.99 6.75 -14.72
CA GLU A 17 -6.81 5.62 -15.15
C GLU A 17 -7.68 5.10 -13.99
N PHE A 18 -7.10 5.00 -12.79
CA PHE A 18 -7.86 4.60 -11.61
C PHE A 18 -9.05 5.51 -11.40
N ARG A 19 -8.83 6.82 -11.40
CA ARG A 19 -9.92 7.73 -11.10
C ARG A 19 -10.99 7.72 -12.18
N GLU A 20 -10.60 7.57 -13.45
CA GLU A 20 -11.56 7.59 -14.54
C GLU A 20 -12.38 6.31 -14.65
N THR A 21 -11.88 5.19 -14.12
CA THR A 21 -12.57 3.92 -14.21
C THR A 21 -13.26 3.54 -12.91
N GLY A 22 -13.24 4.41 -11.90
CA GLY A 22 -13.85 4.07 -10.63
C GLY A 22 -13.05 2.99 -9.91
N GLY A 23 -11.73 3.05 -10.01
CA GLY A 23 -10.89 2.10 -9.31
C GLY A 23 -10.78 0.77 -9.98
N LYS A 24 -10.98 0.73 -11.31
CA LYS A 24 -10.93 -0.51 -12.07
C LYS A 24 -9.95 -0.32 -13.24
N ALA A 25 -8.69 -0.09 -12.88
CA ALA A 25 -7.66 0.17 -13.88
C ALA A 25 -7.59 -1.01 -14.84
N GLY A 26 -7.42 -0.70 -16.12
CA GLY A 26 -7.46 -1.69 -17.18
C GLY A 26 -6.10 -2.08 -17.69
N GLY A 27 -6.08 -2.63 -18.89
CA GLY A 27 -4.82 -3.08 -19.47
C GLY A 27 -4.16 -4.14 -18.61
N LEU A 28 -2.84 -4.01 -18.45
CA LEU A 28 -2.11 -5.01 -17.67
C LEU A 28 -2.39 -4.93 -16.17
N PHE A 29 -3.12 -3.92 -15.70
CA PHE A 29 -3.50 -3.81 -14.29
C PHE A 29 -4.87 -4.39 -13.99
N GLU A 30 -5.56 -4.95 -14.99
CA GLU A 30 -7.01 -5.17 -14.89
C GLU A 30 -7.43 -5.92 -13.64
N GLY A 31 -6.77 -7.01 -13.32
CA GLY A 31 -7.23 -7.83 -12.22
C GLY A 31 -6.58 -7.60 -10.87
N SER A 32 -5.63 -6.69 -10.78
N SER A 32 -5.65 -6.66 -10.78
CA SER A 32 -4.88 -6.59 -9.54
CA SER A 32 -4.89 -6.54 -9.54
C SER A 32 -5.66 -5.79 -8.50
C SER A 32 -5.69 -5.78 -8.49
N PRO A 33 -5.65 -6.21 -7.23
CA PRO A 33 -6.12 -5.33 -6.17
C PRO A 33 -5.31 -4.05 -6.24
N LEU A 34 -5.97 -2.91 -6.05
CA LEU A 34 -5.29 -1.62 -6.16
C LEU A 34 -5.99 -0.53 -5.34
N VAL A 35 -5.19 0.27 -4.63
CA VAL A 35 -5.68 1.44 -3.91
C VAL A 35 -4.72 2.59 -4.17
N LEU A 36 -5.22 3.82 -4.09
CA LEU A 36 -4.34 4.99 -4.11
C LEU A 36 -4.19 5.50 -2.69
N VAL A 37 -2.96 5.53 -2.18
CA VAL A 37 -2.71 5.93 -0.80
C VAL A 37 -1.98 7.27 -0.80
N HIS A 38 -2.60 8.29 -0.21
CA HIS A 38 -1.94 9.58 -0.04
C HIS A 38 -1.01 9.51 1.16
N HIS A 39 0.17 10.13 1.02
CA HIS A 39 1.10 10.16 2.13
C HIS A 39 1.86 11.47 2.13
N THR A 40 2.16 11.96 3.33
CA THR A 40 2.78 13.26 3.53
C THR A 40 4.20 13.05 4.06
N GLY A 41 5.17 13.64 3.35
CA GLY A 41 6.57 13.55 3.74
C GLY A 41 6.85 13.82 5.21
N ALA A 42 7.59 12.90 5.84
CA ALA A 42 7.83 13.01 7.28
C ALA A 42 8.53 14.31 7.65
N LYS A 43 9.43 14.79 6.78
CA LYS A 43 10.16 16.01 7.01
C LYS A 43 9.61 17.19 6.23
N SER A 44 9.24 16.97 4.96
CA SER A 44 8.86 18.06 4.08
C SER A 44 7.42 18.50 4.30
N GLY A 45 6.55 17.58 4.66
CA GLY A 45 5.12 17.86 4.57
C GLY A 45 4.58 17.78 3.17
N LYS A 46 5.37 17.30 2.20
CA LYS A 46 4.95 17.23 0.81
C LYS A 46 4.10 15.99 0.57
N GLN A 47 2.96 16.19 -0.10
N GLN A 47 2.94 16.19 -0.07
CA GLN A 47 2.01 15.12 -0.31
CA GLN A 47 2.01 15.09 -0.28
C GLN A 47 2.25 14.41 -1.64
C GLN A 47 2.26 14.41 -1.62
N ARG A 48 2.15 13.08 -1.60
CA ARG A 48 2.33 12.24 -2.78
C ARG A 48 1.23 11.18 -2.76
N ILE A 49 1.01 10.57 -3.92
CA ILE A 49 0.03 9.47 -4.05
C ILE A 49 0.78 8.22 -4.47
N ALA A 50 0.62 7.16 -3.71
CA ALA A 50 1.24 5.87 -4.03
C ALA A 50 0.15 4.89 -4.47
N PRO A 51 0.14 4.47 -5.74
CA PRO A 51 -0.74 3.33 -6.11
C PRO A 51 -0.09 2.06 -5.58
N LEU A 52 -0.82 1.34 -4.72
CA LEU A 52 -0.29 0.20 -4.01
C LEU A 52 -1.27 -0.96 -4.13
N VAL A 53 -0.74 -2.17 -4.11
CA VAL A 53 -1.54 -3.39 -4.15
C VAL A 53 -1.84 -3.79 -2.71
N PRO A 54 -3.08 -3.71 -2.26
CA PRO A 54 -3.41 -4.04 -0.88
C PRO A 54 -3.83 -5.50 -0.76
N LEU A 55 -3.94 -5.96 0.48
CA LEU A 55 -4.75 -7.13 0.82
C LEU A 55 -6.12 -6.62 1.26
N LEU A 56 -7.16 -7.05 0.59
CA LEU A 56 -8.53 -6.62 0.89
C LEU A 56 -9.20 -7.80 1.58
N ASP A 57 -9.05 -7.86 2.90
CA ASP A 57 -9.44 -9.04 3.68
C ASP A 57 -10.75 -8.70 4.34
N GLY A 58 -11.84 -9.25 3.82
CA GLY A 58 -13.14 -8.79 4.23
C GLY A 58 -13.26 -7.33 3.86
N ASP A 59 -13.61 -6.51 4.86
CA ASP A 59 -13.74 -5.06 4.69
C ASP A 59 -12.55 -4.28 5.22
N ARG A 60 -11.44 -4.94 5.48
CA ARG A 60 -10.26 -4.24 5.98
C ARG A 60 -9.22 -4.14 4.86
N ILE A 61 -8.34 -3.16 4.98
CA ILE A 61 -7.42 -2.78 3.92
C ILE A 61 -6.02 -2.79 4.52
N TYR A 62 -5.10 -3.59 3.96
CA TYR A 62 -3.73 -3.63 4.43
C TYR A 62 -2.76 -3.39 3.28
N ILE A 63 -1.65 -2.73 3.57
CA ILE A 63 -0.57 -2.51 2.62
C ILE A 63 0.74 -2.97 3.23
N PHE A 64 1.70 -3.24 2.36
CA PHE A 64 2.91 -3.99 2.73
C PHE A 64 4.16 -3.24 2.31
N GLY A 65 5.06 -2.98 3.26
CA GLY A 65 6.26 -2.24 2.92
C GLY A 65 7.37 -3.09 2.35
N SER A 66 7.06 -3.89 1.32
CA SER A 66 8.04 -4.88 0.84
C SER A 66 9.24 -4.25 0.15
N LYS A 67 9.03 -3.23 -0.68
CA LYS A 67 10.12 -2.60 -1.44
C LYS A 67 11.00 -3.64 -2.13
N GLY A 68 10.34 -4.65 -2.73
CA GLY A 68 11.08 -5.66 -3.48
C GLY A 68 12.05 -6.49 -2.67
N GLY A 69 11.92 -6.53 -1.35
CA GLY A 69 12.88 -7.22 -0.52
C GLY A 69 14.15 -6.43 -0.23
N ALA A 70 14.11 -5.11 -0.39
CA ALA A 70 15.26 -4.25 -0.10
C ALA A 70 15.53 -4.23 1.41
N ASP A 71 16.74 -3.76 1.76
CA ASP A 71 17.09 -3.64 3.18
C ASP A 71 16.56 -2.36 3.82
N SER A 72 15.84 -1.51 3.08
CA SER A 72 15.22 -0.31 3.62
C SER A 72 13.72 -0.36 3.42
N HIS A 73 12.98 0.37 4.27
CA HIS A 73 11.55 0.52 4.14
C HIS A 73 11.25 1.53 3.04
N PRO A 74 10.09 1.43 2.41
CA PRO A 74 9.68 2.48 1.44
C PRO A 74 9.40 3.79 2.15
N ASP A 75 9.60 4.89 1.42
CA ASP A 75 9.39 6.21 2.01
C ASP A 75 7.97 6.37 2.51
N TRP A 76 6.98 5.83 1.78
CA TRP A 76 5.59 5.99 2.22
C TRP A 76 5.35 5.38 3.58
N TYR A 77 6.12 4.34 3.96
CA TYR A 77 5.95 3.76 5.29
C TYR A 77 6.37 4.76 6.36
N HIS A 78 7.57 5.34 6.23
CA HIS A 78 8.01 6.36 7.18
C HIS A 78 7.05 7.53 7.20
N ASN A 79 6.46 7.86 6.04
CA ASN A 79 5.54 8.99 5.99
C ASN A 79 4.25 8.71 6.73
N LEU A 80 3.74 7.49 6.62
CA LEU A 80 2.52 7.13 7.35
C LEU A 80 2.76 6.96 8.83
N VAL A 81 3.96 6.52 9.25
CA VAL A 81 4.29 6.49 10.68
C VAL A 81 4.29 7.90 11.24
N ALA A 82 4.86 8.85 10.49
CA ALA A 82 4.94 10.22 10.98
C ALA A 82 3.60 10.93 10.92
N ASN A 83 2.78 10.61 9.92
CA ASN A 83 1.51 11.31 9.63
C ASN A 83 0.46 10.27 9.28
N PRO A 84 -0.10 9.59 10.30
CA PRO A 84 -0.99 8.45 10.02
C PRO A 84 -2.40 8.82 9.60
N ASP A 85 -2.82 10.07 9.76
CA ASP A 85 -4.15 10.51 9.33
C ASP A 85 -4.04 10.90 7.87
N THR A 86 -4.67 10.12 7.00
CA THR A 86 -4.51 10.35 5.57
C THR A 86 -5.79 9.95 4.84
N VAL A 87 -5.67 9.75 3.53
CA VAL A 87 -6.79 9.47 2.64
C VAL A 87 -6.42 8.28 1.75
N VAL A 88 -7.39 7.41 1.49
N VAL A 88 -7.41 7.44 1.47
CA VAL A 88 -7.21 6.33 0.52
CA VAL A 88 -7.28 6.31 0.55
C VAL A 88 -8.37 6.37 -0.48
C VAL A 88 -8.39 6.39 -0.49
N GLU A 89 -8.07 6.05 -1.74
CA GLU A 89 -9.05 5.89 -2.79
C GLU A 89 -9.17 4.41 -3.12
N LEU A 90 -10.38 3.88 -3.03
CA LEU A 90 -10.66 2.45 -3.23
C LEU A 90 -11.95 2.35 -4.01
N GLY A 91 -11.92 1.68 -5.16
CA GLY A 91 -13.13 1.61 -5.96
C GLY A 91 -13.55 3.01 -6.38
N THR A 92 -14.83 3.31 -6.22
CA THR A 92 -15.36 4.63 -6.56
C THR A 92 -15.34 5.60 -5.39
N GLU A 93 -14.79 5.20 -4.25
CA GLU A 93 -14.86 6.00 -3.04
C GLU A 93 -13.48 6.53 -2.61
N THR A 94 -13.52 7.57 -1.80
CA THR A 94 -12.33 8.19 -1.20
C THR A 94 -12.69 8.40 0.27
N PHE A 95 -11.83 7.96 1.17
N PHE A 95 -11.88 7.82 1.19
CA PHE A 95 -12.25 8.12 2.55
CA PHE A 95 -12.10 7.71 2.65
C PHE A 95 -11.07 8.36 3.47
C PHE A 95 -11.00 8.40 3.45
N PRO A 96 -11.31 9.05 4.58
CA PRO A 96 -10.25 9.32 5.55
C PRO A 96 -9.90 8.03 6.28
N VAL A 97 -8.62 7.84 6.53
CA VAL A 97 -8.15 6.65 7.23
C VAL A 97 -7.11 7.04 8.27
N LYS A 98 -6.91 6.15 9.24
CA LYS A 98 -5.80 6.24 10.18
C LYS A 98 -4.93 5.01 9.97
N ALA A 99 -3.66 5.24 9.63
CA ALA A 99 -2.74 4.13 9.43
C ALA A 99 -2.32 3.53 10.76
N ARG A 100 -2.37 2.20 10.85
CA ARG A 100 -1.98 1.46 12.04
C ARG A 100 -0.94 0.43 11.66
N VAL A 101 0.23 0.47 12.27
CA VAL A 101 1.29 -0.48 11.99
C VAL A 101 1.05 -1.75 12.82
N LEU A 102 0.92 -2.88 12.15
CA LEU A 102 0.69 -4.15 12.83
C LEU A 102 2.00 -4.68 13.41
N THR A 103 1.89 -5.45 14.48
N THR A 103 1.88 -5.49 14.46
CA THR A 103 3.05 -6.08 15.09
CA THR A 103 3.05 -6.08 15.08
C THR A 103 2.70 -7.51 15.48
C THR A 103 2.68 -7.47 15.59
N GLY A 104 3.71 -8.24 15.94
CA GLY A 104 3.49 -9.52 16.59
C GLY A 104 2.74 -10.51 15.72
N ALA A 105 1.90 -11.31 16.38
CA ALA A 105 1.18 -12.38 15.71
C ALA A 105 0.21 -11.84 14.67
N GLU A 106 -0.43 -10.71 14.96
CA GLU A 106 -1.36 -10.13 13.98
C GLU A 106 -0.65 -9.78 12.68
N ARG A 107 0.53 -9.17 12.78
CA ARG A 107 1.30 -8.86 11.58
C ARG A 107 1.66 -10.13 10.81
N ASP A 108 2.15 -11.17 11.50
CA ASP A 108 2.49 -12.42 10.82
C ASP A 108 1.30 -13.05 10.12
N GLU A 109 0.13 -13.01 10.75
CA GLU A 109 -1.04 -13.65 10.14
C GLU A 109 -1.48 -12.93 8.89
N ILE A 110 -1.46 -11.59 8.91
CA ILE A 110 -1.83 -10.84 7.72
C ILE A 110 -0.80 -11.00 6.63
N TYR A 111 0.49 -10.98 6.97
CA TYR A 111 1.52 -11.22 5.96
C TYR A 111 1.33 -12.57 5.28
N ALA A 112 1.02 -13.61 6.06
CA ALA A 112 0.81 -14.94 5.49
C ALA A 112 -0.39 -14.95 4.54
N LYS A 113 -1.43 -14.19 4.84
CA LYS A 113 -2.58 -14.12 3.92
C LYS A 113 -2.16 -13.51 2.59
N GLN A 114 -1.28 -12.51 2.61
CA GLN A 114 -0.79 -11.90 1.38
C GLN A 114 0.14 -12.83 0.61
N VAL A 115 0.99 -13.59 1.31
CA VAL A 115 1.83 -14.59 0.64
C VAL A 115 0.95 -15.61 -0.09
N ALA A 116 -0.20 -15.95 0.48
CA ALA A 116 -1.10 -16.90 -0.17
C ALA A 116 -1.74 -16.33 -1.44
N VAL A 117 -1.94 -15.01 -1.52
CA VAL A 117 -2.45 -14.38 -2.73
C VAL A 117 -1.35 -14.17 -3.76
N ALA A 118 -0.19 -13.69 -3.29
CA ALA A 118 0.92 -13.24 -4.12
C ALA A 118 2.20 -13.84 -3.56
N PRO A 119 2.64 -14.98 -4.11
CA PRO A 119 3.75 -15.71 -3.48
C PRO A 119 5.08 -14.96 -3.47
N GLN A 120 5.27 -13.97 -4.34
CA GLN A 120 6.51 -13.19 -4.28
C GLN A 120 6.75 -12.56 -2.91
N PHE A 121 5.70 -12.34 -2.11
CA PHE A 121 5.92 -11.82 -0.76
C PHE A 121 6.72 -12.78 0.11
N GLY A 122 6.66 -14.08 -0.14
CA GLY A 122 7.54 -14.99 0.57
C GLY A 122 8.99 -14.74 0.20
N ASP A 123 9.25 -14.54 -1.09
CA ASP A 123 10.62 -14.25 -1.52
C ASP A 123 11.12 -12.93 -0.94
N TYR A 124 10.26 -11.91 -0.92
CA TYR A 124 10.69 -10.61 -0.42
C TYR A 124 11.14 -10.71 1.02
N GLN A 125 10.41 -11.46 1.84
CA GLN A 125 10.81 -11.55 3.24
C GLN A 125 12.04 -12.42 3.43
N ARG A 126 12.23 -13.42 2.57
N ARG A 126 12.24 -13.42 2.56
CA ARG A 126 13.45 -14.21 2.64
CA ARG A 126 13.45 -14.23 2.64
C ARG A 126 14.67 -13.35 2.35
C ARG A 126 14.69 -13.45 2.23
N LYS A 127 14.52 -12.37 1.45
CA LYS A 127 15.64 -11.59 0.93
C LYS A 127 16.21 -10.57 1.91
N THR A 128 15.50 -10.22 2.97
CA THR A 128 16.00 -9.22 3.91
C THR A 128 15.68 -9.64 5.33
N THR A 129 16.59 -9.30 6.26
CA THR A 129 16.26 -9.51 7.67
C THR A 129 15.42 -8.39 8.24
N ARG A 130 15.23 -7.32 7.50
CA ARG A 130 14.27 -6.28 7.88
C ARG A 130 12.89 -6.90 7.93
N VAL A 131 12.15 -6.69 9.02
CA VAL A 131 10.76 -7.11 9.08
C VAL A 131 9.94 -6.21 8.17
N ILE A 132 9.31 -6.81 7.17
CA ILE A 132 8.53 -6.02 6.21
C ILE A 132 7.27 -5.50 6.90
N PRO A 133 7.00 -4.19 6.88
CA PRO A 133 5.84 -3.67 7.61
C PRO A 133 4.53 -4.08 6.96
N VAL A 134 3.52 -4.27 7.82
CA VAL A 134 2.12 -4.40 7.43
C VAL A 134 1.36 -3.26 8.10
N VAL A 135 0.64 -2.49 7.29
CA VAL A 135 -0.06 -1.30 7.76
C VAL A 135 -1.53 -1.48 7.41
N GLU A 136 -2.40 -1.38 8.42
CA GLU A 136 -3.83 -1.33 8.14
C GLU A 136 -4.24 0.12 7.92
N LEU A 137 -4.98 0.35 6.85
CA LEU A 137 -5.61 1.66 6.61
C LEU A 137 -7.01 1.58 7.18
N GLN A 138 -7.20 2.08 8.39
CA GLN A 138 -8.48 1.95 9.11
C GLN A 138 -9.40 3.10 8.73
N ARG A 139 -10.57 2.76 8.21
CA ARG A 139 -11.56 3.77 7.84
C ARG A 139 -12.01 4.54 9.07
N VAL A 140 -12.07 5.86 8.95
CA VAL A 140 -12.60 6.71 10.01
C VAL A 140 -14.11 6.87 9.85
C1 GOL B . 2.04 -2.46 -1.14
O1 GOL B . 1.06 -3.16 -0.47
C2 GOL B . 3.03 -3.43 -1.83
O2 GOL B . 4.18 -2.75 -2.21
C3 GOL B . 2.27 -3.93 -3.07
O3 GOL B . 2.15 -2.79 -3.94
C1 GOL C . -9.38 -2.25 -6.99
O1 GOL C . -8.84 -3.47 -6.50
C2 GOL C . -10.22 -1.62 -5.82
O2 GOL C . -9.88 -0.25 -5.62
C3 GOL C . -11.64 -1.76 -6.33
O3 GOL C . -11.65 -1.10 -7.56
C1 GOL D . 18.81 -1.53 0.67
O1 GOL D . 18.62 -2.67 -0.15
C2 GOL D . 18.70 -0.20 -0.16
O2 GOL D . 18.77 0.91 0.67
C3 GOL D . 17.35 -0.25 -0.91
O3 GOL D . 17.63 -0.52 -2.24
C1 PEG E . 12.70 -11.67 9.20
O1 PEG E . 13.83 -11.12 9.86
C2 PEG E . 13.10 -12.70 8.19
O2 PEG E . 14.09 -12.12 7.35
C3 PEG E . 14.65 -12.99 6.37
C4 PEG E . 16.14 -12.79 6.33
O4 PEG E . 16.75 -12.75 5.05
#